data_3EDZ
#
_entry.id   3EDZ
#
_cell.length_a   74.796
_cell.length_b   75.702
_cell.length_c   102.877
_cell.angle_alpha   90.00
_cell.angle_beta   90.00
_cell.angle_gamma   90.00
#
_symmetry.space_group_name_H-M   'P 21 21 21'
#
loop_
_entity.id
_entity.type
_entity.pdbx_description
1 polymer 'ADAM 17'
2 non-polymer 'ZINC ION'
3 non-polymer N-{(2R)-2-[2-(hydroxyamino)-2-oxoethyl]-4-methylpentanoyl}-3-methyl-L-valyl-N-(2-aminoethyl)-L-alaninamide
4 non-polymer 'CITRIC ACID'
5 non-polymer 'methyl (1R,2S)-2-(hydroxycarbamoyl)-1-{4-[(2-methylquinolin-4-yl)methoxy]benzyl}cyclopropanecarboxylate'
6 water water
#
_entity_poly.entity_id   1
_entity_poly.type   'polypeptide(L)'
_entity_poly.pdbx_seq_one_letter_code
;RADPDPMKNTCKLLVVADHRFYRYMGRGEESTTTNYLIELIDRVDDIYRNTAWDNAGFKGYGIQIEQIRILKSPQEVKPG
EKHYNMAKSYPNEEKDAWDVKMLLEQFSFDIAEEASKVCLAHLFTYQDFDMGTLGLAYGGSPRANSHGGVCPKAYYSPVG
KKNIYLNSGLTSTKNYGKTILTKEADLVTTHELGHNFGAEHDPDGLAECAPNEDQGGKYVMYPIAVSGDHENNKMFSQCS
KQSIYKTIESKAQECFQERSNKVGSHHHHHH
;
_entity_poly.pdbx_strand_id   A,B
#
# COMPACT_ATOMS: atom_id res chain seq x y z
N PRO A 4 0.57 -6.84 -0.07
CA PRO A 4 0.06 -7.91 0.80
C PRO A 4 0.66 -9.28 0.46
N ASP A 5 1.34 -9.88 1.43
CA ASP A 5 1.93 -11.20 1.23
C ASP A 5 0.79 -12.22 1.16
N PRO A 6 0.56 -12.80 -0.04
CA PRO A 6 -0.51 -13.79 -0.22
C PRO A 6 -0.23 -15.06 0.56
N MET A 7 1.00 -15.19 1.06
CA MET A 7 1.41 -16.34 1.83
C MET A 7 1.08 -16.11 3.29
N LYS A 8 0.82 -14.86 3.65
CA LYS A 8 0.51 -14.53 5.02
C LYS A 8 -0.55 -13.44 5.04
N ASN A 9 -1.75 -13.78 4.61
CA ASN A 9 -2.81 -12.76 4.60
C ASN A 9 -4.07 -13.17 5.33
N THR A 10 -4.02 -14.30 6.01
CA THR A 10 -5.20 -14.85 6.69
C THR A 10 -4.97 -15.10 8.18
N CYS A 11 -5.89 -14.60 8.99
CA CYS A 11 -5.83 -14.82 10.43
C CYS A 11 -6.67 -16.07 10.69
N LYS A 12 -6.02 -17.17 11.06
CA LYS A 12 -6.72 -18.44 11.35
C LYS A 12 -7.35 -18.37 12.74
N LEU A 13 -8.57 -18.87 12.86
CA LEU A 13 -9.31 -18.81 14.11
C LEU A 13 -9.61 -20.13 14.77
N LEU A 14 -9.61 -20.11 16.10
CA LEU A 14 -10.11 -21.23 16.87
C LEU A 14 -11.47 -20.67 17.27
N VAL A 15 -12.53 -21.30 16.82
CA VAL A 15 -13.89 -20.86 17.15
C VAL A 15 -14.43 -21.84 18.16
N VAL A 16 -14.97 -21.35 19.27
CA VAL A 16 -15.51 -22.21 20.30
C VAL A 16 -17.00 -21.90 20.47
N ALA A 17 -17.82 -22.95 20.45
CA ALA A 17 -19.25 -22.82 20.71
C ALA A 17 -19.48 -23.46 22.07
N ASP A 18 -19.89 -22.67 23.06
CA ASP A 18 -20.15 -23.25 24.37
C ASP A 18 -21.47 -24.04 24.42
N HIS A 19 -21.75 -24.69 25.55
CA HIS A 19 -22.98 -25.50 25.66
C HIS A 19 -24.26 -24.71 25.45
N ARG A 20 -24.23 -23.42 25.80
CA ARG A 20 -25.44 -22.59 25.63
C ARG A 20 -25.69 -22.39 24.15
N PHE A 21 -24.63 -22.03 23.42
CA PHE A 21 -24.74 -21.85 21.98
C PHE A 21 -25.20 -23.15 21.30
N TYR A 22 -24.58 -24.26 21.70
CA TYR A 22 -24.90 -25.57 21.12
C TYR A 22 -26.39 -25.91 21.28
N ARG A 23 -26.90 -25.69 22.48
CA ARG A 23 -28.29 -25.98 22.76
C ARG A 23 -29.25 -24.98 22.11
N TYR A 24 -29.00 -23.71 22.31
CA TYR A 24 -29.93 -22.69 21.83
C TYR A 24 -29.83 -22.21 20.40
N MET A 25 -28.65 -22.30 19.82
CA MET A 25 -28.47 -21.87 18.44
C MET A 25 -28.30 -23.13 17.60
N GLY A 26 -27.64 -24.14 18.17
CA GLY A 26 -27.36 -25.36 17.46
C GLY A 26 -28.49 -26.40 17.49
N ARG A 27 -29.51 -26.18 18.31
CA ARG A 27 -30.61 -27.14 18.43
C ARG A 27 -30.06 -28.47 18.94
N GLY A 28 -28.98 -28.40 19.69
CA GLY A 28 -28.36 -29.59 20.22
C GLY A 28 -27.80 -30.50 19.14
N GLU A 29 -27.41 -29.91 18.02
CA GLU A 29 -26.81 -30.65 16.91
C GLU A 29 -25.48 -30.06 16.44
N GLU A 30 -24.50 -30.92 16.21
CA GLU A 30 -23.21 -30.48 15.72
C GLU A 30 -23.31 -29.81 14.35
N SER A 31 -24.05 -30.42 13.42
CA SER A 31 -24.15 -29.86 12.07
C SER A 31 -24.75 -28.45 12.07
N THR A 32 -25.84 -28.27 12.81
CA THR A 32 -26.51 -26.97 12.84
C THR A 32 -25.58 -25.92 13.46
N THR A 33 -24.88 -26.34 14.51
CA THR A 33 -23.95 -25.46 15.20
C THR A 33 -22.83 -25.00 14.28
N THR A 34 -22.14 -25.95 13.67
CA THR A 34 -21.01 -25.61 12.81
C THR A 34 -21.43 -24.85 11.54
N ASN A 35 -22.57 -25.23 10.95
CA ASN A 35 -23.00 -24.53 9.73
C ASN A 35 -23.23 -23.05 10.04
N TYR A 36 -23.90 -22.77 11.15
CA TYR A 36 -24.13 -21.37 11.56
C TYR A 36 -22.80 -20.60 11.61
N LEU A 37 -21.83 -21.16 12.33
CA LEU A 37 -20.55 -20.49 12.52
C LEU A 37 -19.71 -20.36 11.25
N ILE A 38 -19.68 -21.42 10.48
CA ILE A 38 -18.96 -21.41 9.21
C ILE A 38 -19.52 -20.32 8.32
N GLU A 39 -20.85 -20.23 8.22
CA GLU A 39 -21.45 -19.21 7.34
C GLU A 39 -21.24 -17.81 7.90
N LEU A 40 -21.31 -17.65 9.20
CA LEU A 40 -21.10 -16.33 9.79
C LEU A 40 -19.68 -15.81 9.54
N ILE A 41 -18.68 -16.65 9.81
CA ILE A 41 -17.29 -16.25 9.61
C ILE A 41 -16.99 -15.93 8.14
N ASP A 42 -17.56 -16.72 7.22
CA ASP A 42 -17.36 -16.46 5.80
C ASP A 42 -17.97 -15.10 5.40
N ARG A 43 -19.15 -14.76 5.92
CA ARG A 43 -19.70 -13.43 5.60
C ARG A 43 -18.85 -12.33 6.22
N VAL A 44 -18.38 -12.53 7.45
CA VAL A 44 -17.52 -11.53 8.09
C VAL A 44 -16.24 -11.41 7.28
N ASP A 45 -15.71 -12.57 6.86
CA ASP A 45 -14.49 -12.58 6.04
C ASP A 45 -14.66 -11.73 4.77
N ASP A 46 -15.83 -11.80 4.16
CA ASP A 46 -16.09 -10.98 2.96
C ASP A 46 -15.88 -9.49 3.25
N ILE A 47 -16.30 -9.06 4.44
CA ILE A 47 -16.13 -7.65 4.82
C ILE A 47 -14.67 -7.29 4.91
N TYR A 48 -13.92 -8.12 5.62
CA TYR A 48 -12.50 -7.89 5.84
C TYR A 48 -11.68 -7.95 4.54
N ARG A 49 -11.87 -9.06 3.83
CA ARG A 49 -11.15 -9.32 2.59
C ARG A 49 -11.29 -8.18 1.58
N ASN A 50 -12.48 -7.62 1.47
CA ASN A 50 -12.74 -6.53 0.52
C ASN A 50 -12.37 -5.15 1.02
N THR A 51 -11.86 -5.05 2.23
CA THR A 51 -11.47 -3.77 2.79
C THR A 51 -10.06 -3.38 2.35
N ALA A 52 -9.92 -2.16 1.82
CA ALA A 52 -8.61 -1.63 1.46
C ALA A 52 -8.11 -0.80 2.65
N TRP A 53 -7.24 -1.39 3.46
CA TRP A 53 -6.75 -0.74 4.69
C TRP A 53 -6.01 0.57 4.48
N ASP A 54 -5.43 0.75 3.28
CA ASP A 54 -4.72 1.99 2.96
C ASP A 54 -5.47 2.76 1.88
N ASN A 55 -6.67 2.30 1.57
CA ASN A 55 -7.50 2.90 0.52
C ASN A 55 -6.87 2.72 -0.86
N ALA A 56 -6.03 1.71 -0.98
CA ALA A 56 -5.36 1.42 -2.24
C ALA A 56 -5.40 -0.07 -2.57
N GLY A 57 -4.22 -0.68 -2.65
CA GLY A 57 -4.11 -2.08 -2.99
C GLY A 57 -3.85 -2.98 -1.79
N PHE A 58 -3.86 -2.39 -0.59
CA PHE A 58 -3.64 -3.20 0.59
C PHE A 58 -4.95 -3.79 1.08
N LYS A 59 -5.39 -4.82 0.37
CA LYS A 59 -6.63 -5.51 0.68
C LYS A 59 -6.38 -7.00 0.51
N GLY A 60 -7.40 -7.80 0.77
CA GLY A 60 -7.24 -9.24 0.64
C GLY A 60 -6.89 -9.93 1.95
N TYR A 61 -6.88 -9.18 3.05
CA TYR A 61 -6.60 -9.73 4.38
C TYR A 61 -7.89 -10.16 5.03
N GLY A 62 -7.93 -11.38 5.55
CA GLY A 62 -9.16 -11.87 6.16
C GLY A 62 -8.99 -12.89 7.26
N ILE A 63 -10.04 -13.66 7.46
CA ILE A 63 -10.08 -14.64 8.55
C ILE A 63 -10.58 -15.95 8.01
N GLN A 64 -10.15 -17.04 8.63
CA GLN A 64 -10.62 -18.36 8.22
C GLN A 64 -10.60 -19.24 9.45
N ILE A 65 -11.58 -20.13 9.57
CA ILE A 65 -11.65 -21.00 10.73
C ILE A 65 -10.63 -22.13 10.60
N GLU A 66 -9.89 -22.40 11.67
CA GLU A 66 -8.93 -23.51 11.65
C GLU A 66 -9.57 -24.72 12.36
N GLN A 67 -10.29 -24.43 13.42
CA GLN A 67 -10.92 -25.47 14.20
C GLN A 67 -12.14 -24.90 14.87
N ILE A 68 -13.18 -25.72 14.97
CA ILE A 68 -14.34 -25.37 15.75
C ILE A 68 -14.45 -26.35 16.90
N ARG A 69 -14.34 -25.86 18.13
CA ARG A 69 -14.51 -26.70 19.31
C ARG A 69 -15.97 -26.59 19.69
N ILE A 70 -16.63 -27.73 19.89
CA ILE A 70 -18.05 -27.74 20.21
C ILE A 70 -18.26 -28.36 21.57
N LEU A 71 -18.66 -27.54 22.53
CA LEU A 71 -18.91 -28.03 23.87
C LEU A 71 -20.40 -28.36 23.98
N LYS A 72 -20.71 -29.65 24.00
CA LYS A 72 -22.10 -30.09 24.03
C LYS A 72 -22.81 -30.04 25.39
N SER A 73 -22.03 -30.04 26.46
CA SER A 73 -22.63 -30.04 27.80
C SER A 73 -21.81 -29.11 28.67
N PRO A 74 -22.37 -28.67 29.81
CA PRO A 74 -21.57 -27.76 30.63
C PRO A 74 -20.33 -28.44 31.21
N GLN A 75 -19.31 -27.63 31.52
CA GLN A 75 -18.11 -28.14 32.15
C GLN A 75 -18.41 -28.34 33.65
N GLU A 76 -18.29 -29.57 34.13
CA GLU A 76 -18.51 -29.79 35.56
C GLU A 76 -17.33 -29.16 36.31
N VAL A 77 -17.61 -28.53 37.44
CA VAL A 77 -16.57 -27.87 38.20
C VAL A 77 -16.68 -28.30 39.67
N LYS A 78 -15.58 -28.20 40.40
CA LYS A 78 -15.58 -28.49 41.83
C LYS A 78 -16.08 -27.22 42.52
N PRO A 79 -16.57 -27.36 43.77
CA PRO A 79 -17.04 -26.13 44.43
C PRO A 79 -15.92 -25.11 44.51
N GLY A 80 -16.24 -23.86 44.20
CA GLY A 80 -15.24 -22.80 44.22
C GLY A 80 -14.41 -22.64 42.95
N GLU A 81 -14.52 -23.59 42.03
CA GLU A 81 -13.77 -23.52 40.78
C GLU A 81 -14.67 -23.02 39.66
N LYS A 82 -14.13 -22.22 38.76
CA LYS A 82 -14.94 -21.73 37.64
C LYS A 82 -14.34 -22.03 36.27
N HIS A 83 -15.19 -22.04 35.25
CA HIS A 83 -14.77 -22.36 33.88
C HIS A 83 -15.75 -21.64 32.96
N TYR A 84 -15.29 -21.15 31.82
CA TYR A 84 -16.20 -20.39 30.96
C TYR A 84 -17.39 -21.17 30.47
N ASN A 85 -17.26 -22.49 30.44
CA ASN A 85 -18.34 -23.34 29.95
C ASN A 85 -19.13 -24.01 31.08
N MET A 86 -18.97 -23.52 32.31
CA MET A 86 -19.71 -24.13 33.42
C MET A 86 -21.19 -23.74 33.29
N ALA A 87 -22.07 -24.51 33.95
CA ALA A 87 -23.51 -24.25 33.85
C ALA A 87 -23.93 -22.91 34.41
N LYS A 88 -23.40 -22.55 35.56
CA LYS A 88 -23.84 -21.32 36.21
C LYS A 88 -23.17 -20.05 35.71
N SER A 89 -23.91 -18.95 35.76
CA SER A 89 -23.37 -17.64 35.41
C SER A 89 -22.49 -17.20 36.55
N TYR A 90 -21.51 -16.35 36.26
CA TYR A 90 -20.60 -15.82 37.29
C TYR A 90 -20.38 -14.33 37.02
N PRO A 91 -20.34 -13.49 38.07
CA PRO A 91 -20.34 -13.76 39.51
C PRO A 91 -21.70 -13.94 40.15
N ASN A 92 -22.76 -13.70 39.40
CA ASN A 92 -24.10 -13.81 39.96
C ASN A 92 -24.88 -14.97 39.33
N GLU A 93 -24.97 -16.09 40.04
CA GLU A 93 -25.64 -17.26 39.48
C GLU A 93 -27.12 -17.07 39.21
N GLU A 94 -27.70 -16.02 39.78
CA GLU A 94 -29.12 -15.77 39.58
C GLU A 94 -29.42 -15.13 38.23
N LYS A 95 -28.37 -14.57 37.60
CA LYS A 95 -28.53 -13.91 36.31
C LYS A 95 -28.37 -14.88 35.14
N ASP A 96 -28.96 -14.51 34.00
CA ASP A 96 -28.90 -15.35 32.81
C ASP A 96 -27.48 -15.45 32.28
N ALA A 97 -26.69 -14.40 32.51
CA ALA A 97 -25.36 -14.33 31.93
C ALA A 97 -24.26 -13.93 32.90
N TRP A 98 -23.03 -14.21 32.51
CA TRP A 98 -21.87 -13.81 33.28
C TRP A 98 -21.78 -12.30 33.14
N ASP A 99 -20.88 -11.72 33.94
CA ASP A 99 -20.45 -10.34 33.74
C ASP A 99 -19.53 -10.56 32.51
N VAL A 100 -19.78 -9.79 31.45
CA VAL A 100 -19.05 -10.00 30.17
C VAL A 100 -17.52 -9.90 30.24
N LYS A 101 -17.01 -8.95 31.02
CA LYS A 101 -15.56 -8.80 31.12
C LYS A 101 -14.96 -10.01 31.79
N MET A 102 -15.59 -10.48 32.86
CA MET A 102 -15.10 -11.64 33.59
C MET A 102 -15.17 -12.89 32.73
N LEU A 103 -16.18 -12.97 31.87
CA LEU A 103 -16.30 -14.11 30.97
C LEU A 103 -15.15 -14.12 29.95
N LEU A 104 -14.84 -12.96 29.37
CA LEU A 104 -13.76 -12.92 28.37
C LEU A 104 -12.43 -13.31 29.05
N GLU A 105 -12.22 -12.84 30.29
CA GLU A 105 -11.01 -13.14 31.05
C GLU A 105 -10.94 -14.64 31.34
N GLN A 106 -12.06 -15.21 31.76
CA GLN A 106 -12.13 -16.64 32.05
C GLN A 106 -11.89 -17.49 30.81
N PHE A 107 -12.52 -17.11 29.69
CA PHE A 107 -12.33 -17.86 28.44
C PHE A 107 -10.85 -17.88 28.08
N SER A 108 -10.22 -16.71 28.13
CA SER A 108 -8.80 -16.59 27.78
C SER A 108 -7.92 -17.46 28.67
N PHE A 109 -8.26 -17.50 29.94
CA PHE A 109 -7.52 -18.34 30.89
C PHE A 109 -7.66 -19.83 30.54
N ASP A 110 -8.90 -20.29 30.37
CA ASP A 110 -9.14 -21.70 30.09
C ASP A 110 -8.64 -22.20 28.75
N ILE A 111 -8.54 -21.27 27.79
CA ILE A 111 -8.17 -21.62 26.41
C ILE A 111 -6.72 -21.25 26.08
N ALA A 112 -5.97 -20.83 27.08
CA ALA A 112 -4.60 -20.36 26.87
C ALA A 112 -3.69 -21.25 26.02
N GLU A 113 -3.70 -22.55 26.29
CA GLU A 113 -2.83 -23.46 25.55
C GLU A 113 -3.16 -23.41 24.05
N GLU A 114 -4.45 -23.49 23.75
CA GLU A 114 -4.91 -23.47 22.36
C GLU A 114 -4.69 -22.09 21.71
N ALA A 115 -4.95 -21.03 22.46
CA ALA A 115 -4.83 -19.67 21.94
C ALA A 115 -3.40 -19.35 21.53
N SER A 116 -2.43 -19.91 22.22
CA SER A 116 -1.03 -19.65 21.90
C SER A 116 -0.63 -20.14 20.51
N LYS A 117 -1.45 -20.97 19.90
CA LYS A 117 -1.12 -21.57 18.61
C LYS A 117 -1.93 -21.05 17.44
N VAL A 118 -2.77 -20.05 17.68
CA VAL A 118 -3.62 -19.53 16.61
C VAL A 118 -3.57 -18.02 16.57
N CYS A 119 -3.94 -17.44 15.44
CA CYS A 119 -3.98 -15.99 15.35
C CYS A 119 -4.99 -15.42 16.36
N LEU A 120 -6.20 -15.99 16.40
CA LEU A 120 -7.26 -15.55 17.35
C LEU A 120 -8.13 -16.71 17.82
N ALA A 121 -8.71 -16.57 19.01
CA ALA A 121 -9.69 -17.53 19.51
C ALA A 121 -10.96 -16.69 19.70
N HIS A 122 -12.12 -17.24 19.38
CA HIS A 122 -13.35 -16.47 19.58
C HIS A 122 -14.40 -17.38 20.18
N LEU A 123 -15.04 -16.91 21.24
CA LEU A 123 -16.10 -17.68 21.88
C LEU A 123 -17.48 -17.20 21.38
N PHE A 124 -18.34 -18.15 21.02
CA PHE A 124 -19.71 -17.87 20.64
C PHE A 124 -20.57 -18.45 21.71
N THR A 125 -21.41 -17.61 22.31
CA THR A 125 -22.24 -18.06 23.41
C THR A 125 -23.68 -17.60 23.19
N TYR A 126 -24.55 -17.94 24.14
CA TYR A 126 -25.96 -17.57 24.08
C TYR A 126 -26.40 -17.26 25.51
N GLN A 127 -26.14 -16.04 25.92
CA GLN A 127 -26.50 -15.57 27.26
C GLN A 127 -26.81 -14.08 27.15
N ASP A 128 -27.76 -13.63 27.95
CA ASP A 128 -28.25 -12.26 27.88
C ASP A 128 -27.47 -11.34 28.79
N PHE A 129 -26.34 -10.82 28.30
CA PHE A 129 -25.53 -9.89 29.06
C PHE A 129 -26.39 -8.70 29.45
N ASP A 130 -26.10 -8.16 30.63
CA ASP A 130 -26.84 -7.03 31.16
C ASP A 130 -26.75 -5.80 30.25
N MET A 131 -27.83 -5.04 30.24
CA MET A 131 -27.88 -3.77 29.53
C MET A 131 -27.56 -3.77 28.04
N GLY A 132 -27.95 -4.82 27.32
CA GLY A 132 -27.82 -4.84 25.88
C GLY A 132 -26.45 -5.16 25.28
N THR A 133 -25.50 -5.53 26.11
CA THR A 133 -24.16 -5.86 25.60
C THR A 133 -24.21 -7.13 24.74
N LEU A 134 -23.52 -7.08 23.60
CA LEU A 134 -23.50 -8.20 22.65
C LEU A 134 -22.17 -8.94 22.57
N GLY A 135 -21.07 -8.25 22.84
CA GLY A 135 -19.76 -8.88 22.69
C GLY A 135 -18.67 -8.07 23.36
N LEU A 136 -17.45 -8.59 23.33
CA LEU A 136 -16.29 -7.95 23.93
C LEU A 136 -15.02 -8.56 23.31
N ALA A 137 -13.92 -7.82 23.28
CA ALA A 137 -12.69 -8.35 22.71
C ALA A 137 -11.51 -7.58 23.25
N TYR A 138 -10.32 -8.14 23.14
CA TYR A 138 -9.10 -7.43 23.54
C TYR A 138 -8.54 -6.79 22.28
N GLY A 139 -7.82 -5.69 22.46
CA GLY A 139 -7.24 -4.96 21.34
C GLY A 139 -8.13 -3.78 21.08
N GLY A 140 -7.58 -2.72 20.49
CA GLY A 140 -8.38 -1.56 20.15
C GLY A 140 -9.13 -0.89 21.29
N SER A 141 -8.53 -0.88 22.47
CA SER A 141 -9.12 -0.21 23.62
C SER A 141 -8.25 0.96 24.06
N PRO A 142 -8.87 2.13 24.30
CA PRO A 142 -8.14 3.33 24.69
C PRO A 142 -7.69 3.30 26.16
N ARG A 143 -8.23 2.36 26.93
CA ARG A 143 -7.86 2.25 28.34
C ARG A 143 -6.35 2.15 28.52
N ALA A 144 -5.86 2.79 29.56
CA ALA A 144 -4.43 2.80 29.86
C ALA A 144 -3.92 1.38 30.11
N ASN A 145 -2.79 1.05 29.50
CA ASN A 145 -2.19 -0.26 29.69
C ASN A 145 -3.00 -1.45 29.16
N SER A 146 -3.98 -1.18 28.29
CA SER A 146 -4.75 -2.28 27.70
C SER A 146 -4.04 -2.75 26.43
N HIS A 147 -4.06 -4.06 26.17
CA HIS A 147 -3.41 -4.66 25.00
C HIS A 147 -4.18 -5.89 24.53
N GLY A 148 -3.77 -6.43 23.39
CA GLY A 148 -4.38 -7.65 22.86
C GLY A 148 -4.75 -7.57 21.39
N GLY A 149 -5.39 -8.61 20.90
CA GLY A 149 -5.79 -8.63 19.51
C GLY A 149 -5.06 -9.70 18.74
N VAL A 150 -5.04 -9.59 17.41
CA VAL A 150 -4.42 -10.61 16.57
C VAL A 150 -3.02 -10.99 17.05
N CYS A 151 -2.71 -12.28 16.96
CA CYS A 151 -1.42 -12.87 17.36
C CYS A 151 -1.30 -12.93 18.89
N PRO A 152 -1.12 -14.14 19.43
CA PRO A 152 -1.10 -14.26 20.90
C PRO A 152 -0.06 -13.36 21.55
N LYS A 153 -0.51 -12.62 22.54
CA LYS A 153 0.37 -11.77 23.34
C LYS A 153 0.11 -12.22 24.77
N ALA A 154 1.19 -12.58 25.46
CA ALA A 154 1.09 -13.08 26.82
C ALA A 154 0.78 -12.00 27.84
N TYR A 155 0.04 -12.42 28.86
CA TYR A 155 -0.23 -11.57 30.00
C TYR A 155 -0.14 -12.50 31.20
N TYR A 156 0.76 -12.23 32.15
CA TYR A 156 0.86 -13.09 33.31
C TYR A 156 -0.25 -12.70 34.28
N SER A 157 -1.15 -13.63 34.55
CA SER A 157 -2.28 -13.32 35.43
C SER A 157 -1.87 -13.59 36.86
N PRO A 158 -1.75 -12.54 37.67
CA PRO A 158 -1.32 -12.81 39.06
C PRO A 158 -2.32 -13.69 39.82
N VAL A 159 -3.59 -13.59 39.45
CA VAL A 159 -4.63 -14.39 40.09
C VAL A 159 -4.66 -15.81 39.52
N GLY A 160 -4.52 -15.93 38.21
CA GLY A 160 -4.49 -17.23 37.56
C GLY A 160 -3.16 -17.96 37.67
N LYS A 161 -2.10 -17.24 38.07
CA LYS A 161 -0.78 -17.86 38.24
C LYS A 161 -0.16 -18.52 36.99
N LYS A 162 -0.55 -18.06 35.81
CA LYS A 162 0.04 -18.55 34.56
C LYS A 162 -0.15 -17.48 33.50
N ASN A 163 0.49 -17.65 32.36
CA ASN A 163 0.30 -16.74 31.25
C ASN A 163 -0.99 -17.13 30.56
N ILE A 164 -1.76 -16.12 30.16
CA ILE A 164 -2.93 -16.32 29.32
C ILE A 164 -2.62 -15.45 28.10
N TYR A 165 -3.37 -15.58 27.01
CA TYR A 165 -3.09 -14.76 25.83
C TYR A 165 -4.24 -13.83 25.49
N LEU A 166 -3.91 -12.65 24.96
CA LEU A 166 -4.91 -11.61 24.70
C LEU A 166 -5.45 -11.57 23.29
N ASN A 167 -5.33 -12.68 22.58
CA ASN A 167 -5.81 -12.77 21.21
C ASN A 167 -7.20 -13.41 21.21
N SER A 168 -8.13 -12.80 21.94
CA SER A 168 -9.46 -13.37 22.12
C SER A 168 -10.60 -12.35 22.11
N GLY A 169 -11.82 -12.86 22.00
CA GLY A 169 -13.04 -12.06 21.95
C GLY A 169 -14.23 -12.98 22.02
N LEU A 170 -15.41 -12.41 22.18
CA LEU A 170 -16.61 -13.22 22.29
C LEU A 170 -17.82 -12.53 21.71
N THR A 171 -18.76 -13.34 21.28
CA THR A 171 -20.03 -12.89 20.71
C THR A 171 -21.14 -13.66 21.37
N SER A 172 -22.21 -12.97 21.76
CA SER A 172 -23.42 -13.65 22.21
C SER A 172 -24.50 -13.37 21.16
N THR A 173 -25.30 -14.38 20.82
CA THR A 173 -26.38 -14.23 19.85
C THR A 173 -27.74 -14.10 20.53
N LYS A 174 -27.71 -13.85 21.83
CA LYS A 174 -28.93 -13.60 22.59
C LYS A 174 -28.88 -12.19 23.14
N ASN A 175 -29.97 -11.45 23.01
CA ASN A 175 -30.05 -10.11 23.58
C ASN A 175 -31.50 -9.77 23.87
N TYR A 176 -31.78 -9.32 25.10
CA TYR A 176 -33.17 -8.99 25.47
C TYR A 176 -34.12 -10.13 25.20
N GLY A 177 -33.78 -11.30 25.74
CA GLY A 177 -34.62 -12.48 25.69
C GLY A 177 -34.93 -13.07 24.33
N LYS A 178 -34.16 -12.74 23.30
CA LYS A 178 -34.46 -13.29 21.99
C LYS A 178 -33.18 -13.53 21.22
N THR A 179 -33.22 -14.43 20.26
CA THR A 179 -32.09 -14.66 19.37
C THR A 179 -31.98 -13.46 18.45
N ILE A 180 -30.79 -12.88 18.34
CA ILE A 180 -30.60 -11.72 17.44
C ILE A 180 -30.67 -12.16 15.96
N LEU A 181 -30.92 -11.23 15.04
CA LEU A 181 -30.98 -11.60 13.61
C LEU A 181 -29.60 -12.03 13.15
N THR A 182 -29.50 -12.86 12.12
CA THR A 182 -28.16 -13.21 11.64
C THR A 182 -27.46 -11.96 11.13
N LYS A 183 -28.21 -11.02 10.54
CA LYS A 183 -27.58 -9.79 10.08
C LYS A 183 -26.98 -8.97 11.24
N GLU A 184 -27.59 -9.08 12.41
CA GLU A 184 -27.07 -8.41 13.60
C GLU A 184 -25.85 -9.18 14.13
N ALA A 185 -25.96 -10.51 14.16
CA ALA A 185 -24.85 -11.34 14.67
C ALA A 185 -23.58 -11.10 13.87
N ASP A 186 -23.72 -11.05 12.54
CA ASP A 186 -22.58 -10.80 11.67
C ASP A 186 -21.88 -9.52 12.12
N LEU A 187 -22.67 -8.48 12.42
CA LEU A 187 -22.09 -7.20 12.81
C LEU A 187 -21.40 -7.27 14.17
N VAL A 188 -21.94 -8.05 15.09
CA VAL A 188 -21.27 -8.15 16.40
C VAL A 188 -19.87 -8.73 16.21
N THR A 189 -19.81 -9.88 15.55
CA THR A 189 -18.50 -10.53 15.36
C THR A 189 -17.55 -9.65 14.57
N THR A 190 -18.09 -8.94 13.58
CA THR A 190 -17.23 -8.05 12.78
C THR A 190 -16.61 -7.00 13.71
N HIS A 191 -17.45 -6.42 14.58
CA HIS A 191 -17.02 -5.37 15.51
C HIS A 191 -15.95 -5.87 16.51
N GLU A 192 -16.16 -7.04 17.08
CA GLU A 192 -15.22 -7.58 18.05
C GLU A 192 -13.88 -7.94 17.38
N LEU A 193 -13.93 -8.58 16.22
CA LEU A 193 -12.70 -8.88 15.49
C LEU A 193 -12.04 -7.57 15.06
N GLY A 194 -12.85 -6.53 14.87
CA GLY A 194 -12.33 -5.21 14.51
C GLY A 194 -11.42 -4.70 15.60
N HIS A 195 -11.85 -4.85 16.85
CA HIS A 195 -11.00 -4.48 18.00
C HIS A 195 -9.76 -5.36 17.95
N ASN A 196 -9.94 -6.66 17.68
CA ASN A 196 -8.79 -7.59 17.62
C ASN A 196 -7.78 -7.11 16.58
N PHE A 197 -8.29 -6.65 15.43
CA PHE A 197 -7.43 -6.14 14.36
C PHE A 197 -6.80 -4.78 14.67
N GLY A 198 -7.23 -4.12 15.75
CA GLY A 198 -6.65 -2.87 16.16
C GLY A 198 -7.52 -1.62 16.18
N ALA A 199 -8.78 -1.73 15.76
CA ALA A 199 -9.66 -0.57 15.75
C ALA A 199 -10.26 -0.20 17.09
N GLU A 200 -10.40 1.10 17.32
CA GLU A 200 -11.10 1.61 18.49
C GLU A 200 -12.49 2.03 18.05
N HIS A 201 -13.33 2.41 19.01
CA HIS A 201 -14.67 2.86 18.65
C HIS A 201 -14.63 4.16 17.84
N ASP A 202 -15.46 4.27 16.82
CA ASP A 202 -15.53 5.53 16.05
C ASP A 202 -16.15 6.60 16.95
N PRO A 203 -15.60 7.82 16.94
CA PRO A 203 -16.11 8.92 17.77
C PRO A 203 -17.09 9.84 17.03
N ASP A 204 -18.09 10.33 17.75
CA ASP A 204 -19.07 11.29 17.19
C ASP A 204 -18.32 12.51 16.65
N GLY A 205 -17.25 12.88 17.35
CA GLY A 205 -16.44 14.04 17.03
C GLY A 205 -15.80 14.09 15.65
N LEU A 206 -15.80 12.97 14.94
CA LEU A 206 -15.24 12.93 13.59
C LEU A 206 -16.35 12.48 12.66
N ALA A 207 -17.08 13.43 12.08
CA ALA A 207 -18.23 13.10 11.22
C ALA A 207 -17.91 12.12 10.09
N GLU A 208 -16.66 12.14 9.63
CA GLU A 208 -16.24 11.27 8.55
C GLU A 208 -16.35 9.79 8.99
N CYS A 209 -16.09 9.56 10.27
CA CYS A 209 -16.13 8.21 10.85
C CYS A 209 -17.43 7.88 11.57
N ALA A 210 -18.30 8.87 11.73
CA ALA A 210 -19.60 8.63 12.35
C ALA A 210 -20.69 9.43 11.66
N PRO A 211 -21.01 9.07 10.40
CA PRO A 211 -22.01 9.82 9.64
C PRO A 211 -23.43 9.78 10.18
N ASN A 212 -24.20 10.79 9.81
CA ASN A 212 -25.60 10.87 10.17
C ASN A 212 -26.32 9.81 9.33
N GLU A 213 -27.55 9.51 9.72
CA GLU A 213 -28.35 8.49 9.04
C GLU A 213 -28.57 8.74 7.55
N ASP A 214 -28.64 9.99 7.14
CA ASP A 214 -28.86 10.30 5.73
C ASP A 214 -27.57 10.28 4.91
N GLN A 215 -26.45 10.08 5.60
CA GLN A 215 -25.16 9.99 4.94
C GLN A 215 -24.65 8.55 4.91
N GLY A 216 -25.55 7.61 5.20
CA GLY A 216 -25.25 6.20 5.19
C GLY A 216 -25.23 5.57 6.58
N GLY A 217 -25.39 6.40 7.62
CA GLY A 217 -25.38 5.88 8.97
C GLY A 217 -23.96 5.61 9.48
N LYS A 218 -23.91 4.90 10.61
CA LYS A 218 -22.66 4.63 11.31
C LYS A 218 -21.90 3.46 10.71
N TYR A 219 -20.60 3.41 10.99
CA TYR A 219 -19.77 2.29 10.55
C TYR A 219 -19.72 1.22 11.64
N VAL A 220 -19.12 0.09 11.32
CA VAL A 220 -19.12 -1.08 12.22
C VAL A 220 -18.55 -0.88 13.62
N MET A 221 -17.53 -0.05 13.75
CA MET A 221 -16.92 0.21 15.06
C MET A 221 -17.59 1.30 15.92
N TYR A 222 -18.80 1.72 15.55
CA TYR A 222 -19.53 2.67 16.39
C TYR A 222 -19.83 1.94 17.70
N PRO A 223 -19.79 2.66 18.84
CA PRO A 223 -20.01 2.00 20.14
C PRO A 223 -21.43 1.44 20.37
N ILE A 224 -22.41 2.01 19.68
CA ILE A 224 -23.81 1.61 19.84
C ILE A 224 -24.18 0.73 18.68
N ALA A 225 -24.85 -0.38 18.96
CA ALA A 225 -25.24 -1.35 17.94
C ALA A 225 -26.46 -0.92 17.15
N VAL A 226 -26.49 -1.33 15.89
CA VAL A 226 -27.63 -1.07 15.00
C VAL A 226 -27.94 -2.32 14.19
N SER A 227 -29.20 -2.48 13.78
CA SER A 227 -29.61 -3.67 13.01
C SER A 227 -28.78 -3.91 11.76
N GLY A 228 -28.29 -2.85 11.15
CA GLY A 228 -27.46 -3.00 9.95
C GLY A 228 -28.19 -2.76 8.64
N ASP A 229 -29.26 -1.98 8.68
CA ASP A 229 -29.98 -1.71 7.44
C ASP A 229 -29.46 -0.43 6.77
N HIS A 230 -28.54 0.27 7.43
CA HIS A 230 -27.97 1.47 6.82
C HIS A 230 -26.71 1.11 6.06
N GLU A 231 -26.44 1.86 4.99
CA GLU A 231 -25.31 1.57 4.12
C GLU A 231 -23.94 1.32 4.76
N ASN A 232 -23.56 2.16 5.70
CA ASN A 232 -22.23 2.06 6.29
C ASN A 232 -22.06 1.00 7.35
N ASN A 233 -23.18 0.51 7.87
CA ASN A 233 -23.22 -0.42 8.99
C ASN A 233 -22.24 -1.60 8.87
N LYS A 234 -22.12 -2.14 7.67
CA LYS A 234 -21.28 -3.30 7.43
C LYS A 234 -19.89 -2.97 6.87
N MET A 235 -19.44 -1.75 7.07
CA MET A 235 -18.14 -1.33 6.56
CA MET A 235 -18.14 -1.34 6.57
C MET A 235 -17.31 -0.71 7.69
N PHE A 236 -16.01 -0.65 7.49
CA PHE A 236 -15.11 -0.05 8.47
C PHE A 236 -14.95 1.42 8.06
N SER A 237 -14.92 2.33 9.04
CA SER A 237 -14.73 3.75 8.78
C SER A 237 -13.27 3.99 8.40
N GLN A 238 -12.97 5.20 7.97
CA GLN A 238 -11.59 5.56 7.64
C GLN A 238 -10.78 5.56 8.92
N CYS A 239 -11.43 5.84 10.05
CA CYS A 239 -10.74 5.84 11.34
C CYS A 239 -10.29 4.43 11.67
N SER A 240 -11.20 3.48 11.51
CA SER A 240 -10.83 2.08 11.78
C SER A 240 -9.72 1.61 10.85
N LYS A 241 -9.87 1.92 9.57
CA LYS A 241 -8.86 1.53 8.59
C LYS A 241 -7.47 2.07 8.96
N GLN A 242 -7.40 3.35 9.34
CA GLN A 242 -6.12 3.95 9.76
C GLN A 242 -5.48 3.24 10.94
N SER A 243 -6.28 2.94 11.96
CA SER A 243 -5.77 2.26 13.15
C SER A 243 -5.29 0.87 12.81
N ILE A 244 -6.12 0.11 12.09
CA ILE A 244 -5.79 -1.27 11.77
C ILE A 244 -4.53 -1.32 10.88
N TYR A 245 -4.43 -0.36 9.97
CA TYR A 245 -3.30 -0.31 9.04
C TYR A 245 -1.94 -0.02 9.67
N LYS A 246 -1.93 0.55 10.87
CA LYS A 246 -0.65 0.84 11.53
C LYS A 246 0.12 -0.44 11.85
N THR A 247 -0.60 -1.53 12.06
CA THR A 247 0.00 -2.78 12.53
C THR A 247 -0.36 -4.01 11.73
N ILE A 248 -1.34 -3.92 10.85
CA ILE A 248 -1.77 -5.11 10.14
C ILE A 248 -0.65 -5.90 9.46
N GLU A 249 0.18 -5.21 8.70
CA GLU A 249 1.29 -5.87 7.98
C GLU A 249 2.24 -6.57 8.93
N SER A 250 2.64 -5.85 9.97
CA SER A 250 3.53 -6.37 11.00
C SER A 250 2.91 -7.60 11.66
N LYS A 251 1.64 -7.48 12.05
CA LYS A 251 0.95 -8.62 12.67
C LYS A 251 0.85 -9.76 11.68
N ALA A 252 0.60 -9.43 10.41
CA ALA A 252 0.48 -10.47 9.40
C ALA A 252 1.78 -11.28 9.32
N GLN A 253 2.92 -10.59 9.31
CA GLN A 253 4.18 -11.31 9.23
C GLN A 253 4.40 -12.15 10.48
N GLU A 254 3.85 -11.70 11.61
CA GLU A 254 3.96 -12.45 12.86
C GLU A 254 3.16 -13.74 12.92
N CYS A 255 1.87 -13.69 12.55
CA CYS A 255 1.05 -14.88 12.74
C CYS A 255 0.02 -15.20 11.65
N PHE A 256 -0.07 -14.41 10.60
CA PHE A 256 -1.06 -14.73 9.55
C PHE A 256 -0.49 -15.85 8.69
N GLN A 257 -1.39 -16.56 8.02
CA GLN A 257 -1.02 -17.69 7.19
C GLN A 257 -1.65 -17.58 5.81
N GLU A 258 -1.38 -18.60 4.99
CA GLU A 258 -1.96 -18.64 3.68
C GLU A 258 -3.43 -19.04 3.75
N ARG A 259 -4.23 -18.38 2.94
CA ARG A 259 -5.64 -18.70 2.84
C ARG A 259 -5.78 -20.13 2.30
N SER A 260 -6.70 -20.90 2.87
CA SER A 260 -6.96 -22.25 2.38
C SER A 260 -8.14 -22.12 1.41
N ASN A 261 -7.97 -22.63 0.19
CA ASN A 261 -9.04 -22.50 -0.80
C ASN A 261 -10.34 -23.19 -0.39
N PRO B 6 25.69 13.23 -40.89
CA PRO B 6 26.69 13.05 -39.82
C PRO B 6 26.90 11.58 -39.48
N MET B 7 27.98 11.29 -38.78
CA MET B 7 28.29 9.90 -38.41
C MET B 7 27.83 9.63 -36.98
N LYS B 8 28.35 10.42 -36.05
CA LYS B 8 28.02 10.32 -34.65
C LYS B 8 26.66 10.96 -34.43
N ASN B 9 25.60 10.17 -34.58
CA ASN B 9 24.23 10.67 -34.42
C ASN B 9 23.42 10.00 -33.32
N THR B 10 24.06 9.13 -32.55
CA THR B 10 23.39 8.38 -31.49
C THR B 10 23.95 8.60 -30.08
N CYS B 11 23.06 8.97 -29.17
CA CYS B 11 23.42 9.09 -27.77
C CYS B 11 23.09 7.72 -27.12
N LYS B 12 24.14 6.98 -26.76
CA LYS B 12 23.96 5.67 -26.12
C LYS B 12 23.53 5.87 -24.69
N LEU B 13 22.55 5.06 -24.28
CA LEU B 13 21.98 5.14 -22.95
C LEU B 13 22.24 3.96 -22.05
N LEU B 14 22.41 4.26 -20.77
CA LEU B 14 22.46 3.27 -19.73
C LEU B 14 21.06 3.40 -19.14
N VAL B 15 20.28 2.34 -19.23
CA VAL B 15 18.91 2.37 -18.70
C VAL B 15 18.81 1.54 -17.44
N VAL B 16 18.33 2.15 -16.36
CA VAL B 16 18.22 1.47 -15.09
C VAL B 16 16.81 1.40 -14.57
N ALA B 17 16.34 0.18 -14.30
CA ALA B 17 15.02 -0.01 -13.73
C ALA B 17 15.26 -0.42 -12.29
N ASP B 18 14.71 0.34 -11.35
CA ASP B 18 14.91 0.05 -9.93
C ASP B 18 13.95 -1.04 -9.48
N HIS B 19 14.10 -1.49 -8.24
CA HIS B 19 13.26 -2.57 -7.72
C HIS B 19 11.77 -2.25 -7.76
N ARG B 20 11.42 -0.97 -7.61
CA ARG B 20 10.01 -0.57 -7.65
C ARG B 20 9.45 -0.73 -9.06
N PHE B 21 10.16 -0.24 -10.07
CA PHE B 21 9.72 -0.36 -11.46
C PHE B 21 9.64 -1.83 -11.87
N TYR B 22 10.64 -2.60 -11.46
CA TYR B 22 10.70 -4.03 -11.78
C TYR B 22 9.46 -4.74 -11.24
N ARG B 23 9.11 -4.42 -10.01
CA ARG B 23 7.99 -5.03 -9.32
C ARG B 23 6.62 -4.55 -9.77
N TYR B 24 6.42 -3.23 -9.82
CA TYR B 24 5.12 -2.67 -10.14
C TYR B 24 4.81 -2.37 -11.60
N MET B 25 5.81 -2.44 -12.46
CA MET B 25 5.60 -2.19 -13.87
C MET B 25 5.97 -3.41 -14.68
N GLY B 26 7.03 -4.09 -14.25
CA GLY B 26 7.54 -5.25 -14.95
C GLY B 26 7.03 -6.59 -14.45
N ARG B 27 6.04 -6.56 -13.55
CA ARG B 27 5.45 -7.79 -13.00
C ARG B 27 6.49 -8.74 -12.41
N GLY B 28 7.51 -8.20 -11.75
CA GLY B 28 8.55 -9.02 -11.17
C GLY B 28 9.25 -9.87 -12.21
N GLU B 29 9.18 -9.45 -13.47
CA GLU B 29 9.83 -10.20 -14.55
C GLU B 29 10.91 -9.45 -15.32
N GLU B 30 12.07 -10.06 -15.44
CA GLU B 30 13.16 -9.46 -16.19
C GLU B 30 12.71 -9.23 -17.63
N SER B 31 12.13 -10.26 -18.25
CA SER B 31 11.64 -10.13 -19.63
C SER B 31 10.65 -8.98 -19.79
N THR B 32 9.62 -8.96 -18.96
CA THR B 32 8.58 -7.94 -19.05
C THR B 32 9.13 -6.53 -18.85
N THR B 33 9.99 -6.37 -17.84
CA THR B 33 10.60 -5.08 -17.55
C THR B 33 11.42 -4.63 -18.73
N THR B 34 12.24 -5.55 -19.23
CA THR B 34 13.12 -5.29 -20.36
C THR B 34 12.35 -4.85 -21.59
N ASN B 35 11.28 -5.60 -21.90
CA ASN B 35 10.48 -5.32 -23.07
C ASN B 35 9.81 -3.94 -23.01
N TYR B 36 9.27 -3.58 -21.86
CA TYR B 36 8.61 -2.29 -21.71
C TYR B 36 9.58 -1.14 -22.02
N LEU B 37 10.80 -1.25 -21.49
CA LEU B 37 11.82 -0.23 -21.65
C LEU B 37 12.38 -0.18 -23.06
N ILE B 38 12.61 -1.35 -23.65
CA ILE B 38 13.07 -1.39 -25.02
C ILE B 38 12.07 -0.69 -25.93
N GLU B 39 10.79 -1.00 -25.74
CA GLU B 39 9.75 -0.42 -26.59
C GLU B 39 9.59 1.09 -26.38
N LEU B 40 9.66 1.51 -25.12
CA LEU B 40 9.54 2.93 -24.79
C LEU B 40 10.70 3.71 -25.40
N ILE B 41 11.93 3.22 -25.21
CA ILE B 41 13.08 3.94 -25.79
C ILE B 41 12.97 3.97 -27.31
N ASP B 42 12.50 2.88 -27.91
CA ASP B 42 12.34 2.88 -29.37
C ASP B 42 11.35 3.94 -29.83
N ARG B 43 10.23 4.10 -29.12
CA ARG B 43 9.23 5.13 -29.51
C ARG B 43 9.76 6.56 -29.28
N VAL B 44 10.44 6.76 -28.17
CA VAL B 44 11.02 8.07 -27.90
C VAL B 44 12.05 8.39 -28.96
N ASP B 45 12.86 7.39 -29.34
CA ASP B 45 13.85 7.56 -30.42
C ASP B 45 13.16 7.99 -31.72
N ASP B 46 12.01 7.42 -32.03
CA ASP B 46 11.33 7.80 -33.29
C ASP B 46 11.11 9.32 -33.33
N ILE B 47 10.69 9.88 -32.20
CA ILE B 47 10.44 11.30 -32.08
C ILE B 47 11.72 12.10 -32.30
N TYR B 48 12.78 11.70 -31.63
CA TYR B 48 14.07 12.36 -31.80
C TYR B 48 14.58 12.28 -33.23
N ARG B 49 14.56 11.08 -33.83
CA ARG B 49 15.09 10.90 -35.19
C ARG B 49 14.43 11.74 -36.26
N ASN B 50 13.11 11.92 -36.13
CA ASN B 50 12.35 12.70 -37.11
C ASN B 50 12.43 14.21 -36.87
N THR B 51 13.08 14.61 -35.78
CA THR B 51 13.19 16.04 -35.50
C THR B 51 14.33 16.67 -36.31
N ALA B 52 14.01 17.74 -37.05
CA ALA B 52 15.04 18.48 -37.79
C ALA B 52 15.42 19.68 -36.94
N TRP B 53 16.57 19.57 -36.27
CA TRP B 53 17.04 20.60 -35.36
C TRP B 53 17.27 21.96 -36.00
N ASP B 54 17.40 21.97 -37.32
CA ASP B 54 17.59 23.22 -38.07
C ASP B 54 16.40 23.52 -38.98
N ASN B 55 15.30 22.78 -38.80
CA ASN B 55 14.10 22.98 -39.61
C ASN B 55 14.32 22.73 -41.09
N ALA B 56 15.39 22.02 -41.41
CA ALA B 56 15.70 21.67 -42.79
C ALA B 56 15.77 20.17 -42.82
N GLY B 57 16.98 19.65 -42.92
CA GLY B 57 17.20 18.22 -42.96
C GLY B 57 18.25 17.76 -41.98
N PHE B 58 18.57 18.61 -41.01
CA PHE B 58 19.56 18.21 -40.01
C PHE B 58 18.83 17.33 -39.00
N LYS B 59 18.46 16.13 -39.43
CA LYS B 59 17.73 15.19 -38.58
C LYS B 59 18.50 13.88 -38.47
N GLY B 60 17.87 12.86 -37.89
CA GLY B 60 18.50 11.56 -37.78
C GLY B 60 19.31 11.38 -36.51
N TYR B 61 19.14 12.29 -35.57
CA TYR B 61 19.85 12.19 -34.30
C TYR B 61 18.88 11.54 -33.30
N GLY B 62 19.39 10.66 -32.46
CA GLY B 62 18.52 10.01 -31.50
C GLY B 62 19.26 9.30 -30.40
N ILE B 63 18.60 8.28 -29.88
CA ILE B 63 19.11 7.55 -28.74
C ILE B 63 19.07 6.06 -29.01
N GLN B 64 19.77 5.29 -28.18
CA GLN B 64 19.82 3.85 -28.37
C GLN B 64 20.28 3.27 -27.05
N ILE B 65 19.57 2.25 -26.55
CA ILE B 65 19.95 1.62 -25.30
C ILE B 65 21.29 0.89 -25.51
N GLU B 66 22.26 1.19 -24.66
CA GLU B 66 23.56 0.55 -24.72
C GLU B 66 23.53 -0.63 -23.77
N GLN B 67 23.00 -0.38 -22.58
CA GLN B 67 22.87 -1.42 -21.56
C GLN B 67 21.63 -1.16 -20.73
N ILE B 68 21.01 -2.22 -20.27
CA ILE B 68 19.87 -2.11 -19.38
C ILE B 68 20.27 -2.79 -18.08
N ARG B 69 19.95 -2.16 -16.95
CA ARG B 69 20.24 -2.75 -15.66
C ARG B 69 18.95 -2.90 -14.86
N ILE B 70 18.56 -4.14 -14.58
CA ILE B 70 17.35 -4.37 -13.80
C ILE B 70 17.75 -4.71 -12.38
N LEU B 71 17.29 -3.89 -11.43
CA LEU B 71 17.55 -4.11 -10.01
C LEU B 71 16.36 -4.86 -9.41
N LYS B 72 16.48 -6.18 -9.34
CA LYS B 72 15.39 -7.03 -8.85
C LYS B 72 14.95 -6.83 -7.40
N SER B 73 15.88 -6.48 -6.54
CA SER B 73 15.52 -6.23 -5.14
C SER B 73 16.15 -4.91 -4.69
N PRO B 74 15.68 -4.37 -3.56
CA PRO B 74 16.18 -3.13 -2.98
C PRO B 74 17.62 -3.30 -2.54
N GLN B 75 18.37 -2.19 -2.50
CA GLN B 75 19.75 -2.26 -2.08
C GLN B 75 19.82 -2.13 -0.56
N GLU B 76 20.55 -3.05 0.09
CA GLU B 76 20.69 -3.00 1.54
C GLU B 76 21.66 -1.88 1.86
N VAL B 77 21.32 -1.08 2.87
CA VAL B 77 22.18 0.04 3.26
C VAL B 77 22.44 0.05 4.78
N LYS B 78 23.57 0.64 5.18
CA LYS B 78 23.89 0.76 6.61
C LYS B 78 23.14 1.94 7.20
N PRO B 79 23.04 2.00 8.53
CA PRO B 79 22.30 3.13 9.11
C PRO B 79 22.89 4.48 8.68
N GLY B 80 22.02 5.41 8.33
CA GLY B 80 22.40 6.74 7.88
C GLY B 80 22.80 6.79 6.43
N GLU B 81 23.13 5.63 5.86
CA GLU B 81 23.57 5.53 4.47
C GLU B 81 22.37 5.62 3.52
N LYS B 82 22.64 6.00 2.27
CA LYS B 82 21.58 6.12 1.28
C LYS B 82 21.96 5.51 -0.05
N HIS B 83 20.93 5.13 -0.79
CA HIS B 83 21.13 4.54 -2.11
C HIS B 83 19.82 4.74 -2.87
N TYR B 84 19.90 5.00 -4.17
CA TYR B 84 18.68 5.27 -4.94
C TYR B 84 17.77 4.05 -5.02
N ASN B 85 18.37 2.87 -4.93
CA ASN B 85 17.63 1.62 -5.02
C ASN B 85 17.31 1.02 -3.67
N MET B 86 17.57 1.78 -2.60
CA MET B 86 17.27 1.28 -1.27
C MET B 86 15.77 1.08 -1.13
N ALA B 87 15.34 0.31 -0.13
CA ALA B 87 13.92 0.03 0.04
C ALA B 87 13.08 1.19 0.55
N LYS B 88 13.63 2.00 1.44
CA LYS B 88 12.86 3.13 1.98
C LYS B 88 12.99 4.40 1.14
N SER B 89 12.06 5.32 1.32
CA SER B 89 12.12 6.61 0.63
C SER B 89 12.98 7.56 1.45
N TYR B 90 13.27 8.73 0.90
CA TYR B 90 14.07 9.74 1.58
C TYR B 90 13.70 11.12 1.05
N PRO B 91 13.59 12.11 1.94
CA PRO B 91 13.87 12.13 3.38
C PRO B 91 12.74 11.63 4.28
N ASN B 92 11.49 11.81 3.85
CA ASN B 92 10.34 11.37 4.64
C ASN B 92 10.03 9.90 4.32
N GLU B 93 10.58 9.01 5.12
CA GLU B 93 10.40 7.57 4.94
C GLU B 93 8.94 7.13 5.00
N GLU B 94 8.09 7.97 5.58
CA GLU B 94 6.66 7.66 5.69
C GLU B 94 5.88 7.86 4.39
N LYS B 95 6.47 8.57 3.44
CA LYS B 95 5.80 8.83 2.16
C LYS B 95 6.20 7.80 1.10
N ASP B 96 5.36 7.66 0.08
CA ASP B 96 5.61 6.69 -0.98
C ASP B 96 6.85 6.97 -1.83
N ALA B 97 7.27 8.23 -1.91
CA ALA B 97 8.41 8.58 -2.74
C ALA B 97 9.44 9.52 -2.11
N TRP B 98 10.64 9.53 -2.70
CA TRP B 98 11.73 10.42 -2.29
C TRP B 98 11.35 11.84 -2.68
N ASP B 99 12.19 12.79 -2.27
CA ASP B 99 12.07 14.16 -2.75
C ASP B 99 12.73 13.97 -4.12
N VAL B 100 12.05 14.33 -5.20
CA VAL B 100 12.57 14.07 -6.55
C VAL B 100 13.99 14.59 -6.83
N LYS B 101 14.29 15.80 -6.39
CA LYS B 101 15.62 16.38 -6.61
C LYS B 101 16.70 15.56 -5.89
N MET B 102 16.41 15.17 -4.65
CA MET B 102 17.34 14.36 -3.89
C MET B 102 17.58 12.99 -4.52
N LEU B 103 16.53 12.43 -5.11
CA LEU B 103 16.66 11.12 -5.73
C LEU B 103 17.55 11.17 -6.96
N LEU B 104 17.36 12.20 -7.79
CA LEU B 104 18.17 12.32 -9.00
C LEU B 104 19.64 12.51 -8.59
N GLU B 105 19.88 13.29 -7.55
CA GLU B 105 21.26 13.51 -7.10
C GLU B 105 21.86 12.20 -6.55
N GLN B 106 21.06 11.43 -5.80
CA GLN B 106 21.52 10.13 -5.29
C GLN B 106 21.77 9.10 -6.38
N PHE B 107 20.89 9.07 -7.39
CA PHE B 107 21.09 8.14 -8.51
C PHE B 107 22.42 8.47 -9.17
N SER B 108 22.62 9.76 -9.47
CA SER B 108 23.86 10.18 -10.13
C SER B 108 25.09 9.78 -9.33
N PHE B 109 24.98 9.87 -8.02
CA PHE B 109 26.11 9.51 -7.14
C PHE B 109 26.40 8.00 -7.28
N ASP B 110 25.38 7.17 -7.08
CA ASP B 110 25.51 5.71 -7.15
C ASP B 110 25.93 5.12 -8.47
N ILE B 111 25.49 5.72 -9.57
CA ILE B 111 25.78 5.19 -10.90
C ILE B 111 26.98 5.84 -11.58
N ALA B 112 27.71 6.66 -10.82
CA ALA B 112 28.84 7.40 -11.38
C ALA B 112 29.82 6.59 -12.22
N GLU B 113 30.32 5.50 -11.65
CA GLU B 113 31.27 4.65 -12.36
C GLU B 113 30.75 4.27 -13.75
N GLU B 114 29.51 3.83 -13.81
CA GLU B 114 28.86 3.47 -15.08
C GLU B 114 28.51 4.69 -15.94
N ALA B 115 27.96 5.73 -15.32
CA ALA B 115 27.58 6.95 -16.04
C ALA B 115 28.78 7.55 -16.76
N SER B 116 29.97 7.37 -16.19
CA SER B 116 31.19 7.92 -16.79
C SER B 116 31.49 7.35 -18.17
N LYS B 117 30.89 6.22 -18.51
CA LYS B 117 31.17 5.56 -19.77
C LYS B 117 30.10 5.65 -20.86
N VAL B 118 29.00 6.35 -20.58
CA VAL B 118 27.91 6.45 -21.56
C VAL B 118 27.46 7.89 -21.76
N CYS B 119 26.76 8.12 -22.88
CA CYS B 119 26.25 9.44 -23.17
C CYS B 119 25.26 9.91 -22.09
N LEU B 120 24.32 9.03 -21.73
CA LEU B 120 23.37 9.35 -20.68
C LEU B 120 22.99 8.12 -19.87
N ALA B 121 22.54 8.36 -18.65
CA ALA B 121 22.02 7.32 -17.77
C ALA B 121 20.61 7.76 -17.39
N HIS B 122 19.64 6.87 -17.46
CA HIS B 122 18.27 7.22 -17.13
C HIS B 122 17.67 6.20 -16.16
N LEU B 123 17.09 6.70 -15.08
CA LEU B 123 16.48 5.86 -14.08
C LEU B 123 14.98 5.79 -14.31
N PHE B 124 14.44 4.58 -14.32
CA PHE B 124 13.00 4.38 -14.43
C PHE B 124 12.54 3.83 -13.08
N THR B 125 11.62 4.54 -12.43
CA THR B 125 11.15 4.14 -11.13
C THR B 125 9.63 4.14 -11.08
N TYR B 126 9.08 3.71 -9.95
CA TYR B 126 7.65 3.70 -9.76
C TYR B 126 7.34 4.24 -8.37
N GLN B 127 7.30 5.57 -8.25
CA GLN B 127 6.98 6.22 -6.99
C GLN B 127 6.18 7.50 -7.22
N ASP B 128 5.30 7.80 -6.28
CA ASP B 128 4.42 8.94 -6.40
C ASP B 128 5.02 10.21 -5.82
N PHE B 129 5.80 10.93 -6.63
CA PHE B 129 6.41 12.19 -6.20
C PHE B 129 5.31 13.19 -5.89
N ASP B 130 5.56 14.08 -4.95
CA ASP B 130 4.59 15.09 -4.56
C ASP B 130 4.23 16.07 -5.68
N MET B 131 3.03 16.64 -5.58
CA MET B 131 2.58 17.66 -6.51
C MET B 131 2.53 17.28 -8.00
N GLY B 132 2.35 16.00 -8.29
CA GLY B 132 2.20 15.58 -9.67
C GLY B 132 3.46 15.54 -10.53
N THR B 133 4.63 15.58 -9.88
CA THR B 133 5.91 15.53 -10.60
C THR B 133 6.15 14.15 -11.18
N LEU B 134 6.57 14.09 -12.44
CA LEU B 134 6.74 12.84 -13.15
C LEU B 134 8.19 12.51 -13.50
N GLY B 135 9.06 13.51 -13.52
CA GLY B 135 10.43 13.24 -13.85
C GLY B 135 11.30 14.45 -13.60
N LEU B 136 12.60 14.28 -13.79
CA LEU B 136 13.56 15.35 -13.55
C LEU B 136 14.82 15.03 -14.33
N ALA B 137 15.54 16.04 -14.78
CA ALA B 137 16.77 15.80 -15.53
C ALA B 137 17.66 17.04 -15.55
N TYR B 138 18.95 16.82 -15.71
CA TYR B 138 19.91 17.92 -15.76
C TYR B 138 20.19 18.31 -17.19
N GLY B 139 20.62 19.56 -17.38
CA GLY B 139 21.04 20.04 -18.68
C GLY B 139 20.39 21.33 -19.12
N GLY B 140 19.25 21.66 -18.52
CA GLY B 140 18.49 22.85 -18.86
C GLY B 140 18.11 23.72 -17.67
N SER B 141 18.87 23.62 -16.58
CA SER B 141 18.63 24.48 -15.42
C SER B 141 19.97 24.90 -14.85
N PRO B 142 20.10 26.19 -14.47
CA PRO B 142 19.05 27.22 -14.40
C PRO B 142 18.75 27.92 -15.72
N ARG B 143 19.35 27.42 -16.80
CA ARG B 143 19.10 27.97 -18.11
C ARG B 143 19.44 26.88 -19.13
N ALA B 144 19.03 27.09 -20.37
CA ALA B 144 19.31 26.11 -21.41
C ALA B 144 20.82 25.90 -21.52
N ASN B 145 21.21 24.70 -21.96
CA ASN B 145 22.63 24.38 -22.15
C ASN B 145 23.49 24.65 -20.93
N SER B 146 22.98 24.30 -19.75
CA SER B 146 23.73 24.50 -18.52
C SER B 146 24.53 23.25 -18.10
N HIS B 147 24.84 23.12 -16.81
CA HIS B 147 25.61 21.95 -16.36
C HIS B 147 24.91 20.66 -16.70
N GLY B 148 25.69 19.62 -16.95
CA GLY B 148 25.11 18.29 -17.17
C GLY B 148 24.49 18.07 -18.53
N GLY B 149 23.66 17.04 -18.62
CA GLY B 149 23.09 16.72 -19.90
C GLY B 149 24.01 15.72 -20.60
N VAL B 150 23.81 15.55 -21.90
CA VAL B 150 24.55 14.56 -22.68
C VAL B 150 26.08 14.64 -22.56
N CYS B 151 26.72 13.47 -22.56
CA CYS B 151 28.18 13.33 -22.53
C CYS B 151 28.75 13.44 -21.11
N PRO B 152 29.42 12.38 -20.65
CA PRO B 152 29.88 12.49 -19.26
C PRO B 152 30.99 13.53 -19.07
N LYS B 153 30.87 14.30 -18.00
CA LYS B 153 31.86 15.30 -17.63
C LYS B 153 31.81 15.26 -16.11
N ALA B 154 32.95 14.98 -15.48
CA ALA B 154 32.98 14.86 -14.03
C ALA B 154 32.76 16.20 -13.35
N TYR B 155 32.04 16.15 -12.24
CA TYR B 155 31.77 17.27 -11.32
C TYR B 155 32.09 16.71 -9.94
N TYR B 156 33.04 17.31 -9.24
CA TYR B 156 33.36 16.80 -7.92
C TYR B 156 32.27 17.12 -6.91
N SER B 157 31.81 16.10 -6.20
CA SER B 157 30.80 16.30 -5.17
C SER B 157 31.54 16.30 -3.82
N PRO B 158 31.55 17.44 -3.12
CA PRO B 158 32.26 17.54 -1.83
C PRO B 158 31.65 16.61 -0.76
N VAL B 159 30.32 16.59 -0.69
CA VAL B 159 29.62 15.71 0.22
C VAL B 159 29.90 14.24 -0.16
N GLY B 160 30.00 13.97 -1.45
CA GLY B 160 30.21 12.63 -1.95
C GLY B 160 31.65 12.14 -1.90
N LYS B 161 32.59 13.09 -1.88
CA LYS B 161 34.01 12.76 -1.84
C LYS B 161 34.49 12.03 -3.07
N LYS B 162 33.83 12.29 -4.20
CA LYS B 162 34.24 11.66 -5.44
C LYS B 162 33.57 12.39 -6.58
N ASN B 163 34.03 12.12 -7.80
CA ASN B 163 33.44 12.72 -8.98
C ASN B 163 32.10 12.06 -9.28
N ILE B 164 31.13 12.87 -9.67
CA ILE B 164 29.82 12.35 -10.08
C ILE B 164 29.59 12.89 -11.48
N TYR B 165 28.53 12.41 -12.13
CA TYR B 165 28.25 12.88 -13.48
C TYR B 165 26.80 13.38 -13.53
N LEU B 166 26.56 14.41 -14.34
CA LEU B 166 25.23 15.02 -14.44
C LEU B 166 24.54 14.68 -15.76
N ASN B 167 25.00 13.61 -16.41
CA ASN B 167 24.42 13.12 -17.66
C ASN B 167 23.31 12.13 -17.28
N SER B 168 22.38 12.60 -16.45
CA SER B 168 21.31 11.76 -15.93
C SER B 168 19.92 12.39 -15.88
N GLY B 169 18.93 11.53 -15.65
CA GLY B 169 17.55 11.97 -15.56
C GLY B 169 16.74 10.79 -15.07
N LEU B 170 15.49 11.05 -14.69
CA LEU B 170 14.63 9.97 -14.24
C LEU B 170 13.18 10.16 -14.67
N THR B 171 12.47 9.05 -14.75
CA THR B 171 11.05 9.07 -15.12
C THR B 171 10.33 8.17 -14.12
N SER B 172 9.21 8.63 -13.58
CA SER B 172 8.37 7.79 -12.73
C SER B 172 7.07 7.52 -13.50
N THR B 173 6.58 6.28 -13.44
CA THR B 173 5.32 5.93 -14.11
C THR B 173 4.13 5.80 -13.16
N LYS B 174 4.30 6.33 -11.95
CA LYS B 174 3.24 6.34 -10.94
C LYS B 174 2.91 7.79 -10.62
N ASN B 175 1.63 8.10 -10.63
CA ASN B 175 1.17 9.45 -10.32
C ASN B 175 -0.23 9.38 -9.72
N TYR B 176 -0.42 10.09 -8.60
CA TYR B 176 -1.70 10.11 -7.89
C TYR B 176 -2.28 8.73 -7.61
N GLY B 177 -1.44 7.84 -7.10
CA GLY B 177 -1.84 6.49 -6.74
C GLY B 177 -2.08 5.52 -7.89
N LYS B 178 -1.85 5.97 -9.13
CA LYS B 178 -2.10 5.11 -10.29
C LYS B 178 -0.94 5.07 -11.29
N THR B 179 -0.90 4.01 -12.10
CA THR B 179 0.11 3.90 -13.15
C THR B 179 -0.32 4.90 -14.25
N ILE B 180 0.63 5.66 -14.80
CA ILE B 180 0.24 6.62 -15.83
C ILE B 180 0.12 5.84 -17.16
N LEU B 181 -0.51 6.45 -18.14
CA LEU B 181 -0.67 5.80 -19.44
C LEU B 181 0.68 5.72 -20.13
N THR B 182 0.91 4.65 -20.88
CA THR B 182 2.17 4.51 -21.60
C THR B 182 2.44 5.73 -22.46
N LYS B 183 1.41 6.28 -23.11
CA LYS B 183 1.63 7.46 -23.94
C LYS B 183 2.13 8.65 -23.09
N GLU B 184 1.73 8.69 -21.82
CA GLU B 184 2.19 9.75 -20.92
C GLU B 184 3.65 9.48 -20.53
N ALA B 185 3.98 8.22 -20.29
CA ALA B 185 5.35 7.86 -19.93
C ALA B 185 6.31 8.24 -21.08
N ASP B 186 5.91 7.96 -22.32
CA ASP B 186 6.72 8.32 -23.49
C ASP B 186 7.04 9.81 -23.47
N LEU B 187 6.02 10.62 -23.19
CA LEU B 187 6.19 12.08 -23.19
C LEU B 187 7.14 12.55 -22.06
N VAL B 188 7.01 11.94 -20.89
CA VAL B 188 7.85 12.33 -19.74
C VAL B 188 9.31 12.06 -20.10
N THR B 189 9.59 10.86 -20.57
CA THR B 189 10.95 10.51 -20.94
C THR B 189 11.49 11.39 -22.06
N THR B 190 10.65 11.70 -23.04
CA THR B 190 11.05 12.57 -24.16
C THR B 190 11.47 13.93 -23.58
N HIS B 191 10.62 14.44 -22.70
CA HIS B 191 10.84 15.75 -22.04
C HIS B 191 12.11 15.76 -21.18
N GLU B 192 12.29 14.75 -20.36
CA GLU B 192 13.50 14.67 -19.52
C GLU B 192 14.77 14.57 -20.39
N LEU B 193 14.75 13.71 -21.41
CA LEU B 193 15.89 13.62 -22.33
C LEU B 193 16.04 14.97 -23.07
N GLY B 194 14.94 15.69 -23.24
CA GLY B 194 15.00 16.99 -23.87
C GLY B 194 15.89 17.92 -23.05
N HIS B 195 15.69 17.94 -21.72
CA HIS B 195 16.56 18.75 -20.85
C HIS B 195 18.01 18.25 -21.01
N ASN B 196 18.20 16.92 -21.03
CA ASN B 196 19.57 16.36 -21.21
C ASN B 196 20.23 16.86 -22.49
N PHE B 197 19.44 17.01 -23.56
CA PHE B 197 19.97 17.50 -24.83
C PHE B 197 20.14 19.03 -24.81
N GLY B 198 19.81 19.66 -23.67
CA GLY B 198 20.06 21.10 -23.49
C GLY B 198 18.89 22.06 -23.44
N ALA B 199 17.70 21.57 -23.76
CA ALA B 199 16.52 22.42 -23.77
C ALA B 199 16.06 22.85 -22.38
N GLU B 200 15.44 24.03 -22.32
CA GLU B 200 14.80 24.51 -21.10
C GLU B 200 13.31 24.46 -21.46
N HIS B 201 12.45 24.95 -20.57
CA HIS B 201 11.02 24.92 -20.90
C HIS B 201 10.60 25.94 -21.93
N ASP B 202 9.56 25.59 -22.67
CA ASP B 202 8.95 26.50 -23.61
C ASP B 202 8.24 27.53 -22.73
N PRO B 203 7.88 28.69 -23.31
CA PRO B 203 7.12 29.73 -22.62
C PRO B 203 5.68 29.26 -22.39
N ASP B 204 5.06 29.73 -21.31
CA ASP B 204 3.66 29.38 -21.03
C ASP B 204 2.70 30.28 -21.81
N GLY B 205 1.42 29.89 -21.89
CA GLY B 205 0.43 30.70 -22.57
C GLY B 205 0.33 30.50 -24.07
N LEU B 206 0.37 31.61 -24.80
CA LEU B 206 0.30 31.56 -26.26
C LEU B 206 1.54 32.23 -26.80
N ALA B 207 2.26 31.52 -27.66
CA ALA B 207 3.46 32.07 -28.26
C ALA B 207 3.83 31.16 -29.42
N GLU B 208 4.85 31.53 -30.17
CA GLU B 208 5.25 30.69 -31.30
C GLU B 208 5.58 29.30 -30.76
N CYS B 209 6.21 29.25 -29.59
CA CYS B 209 6.61 27.97 -29.00
C CYS B 209 5.59 27.37 -28.05
N ALA B 210 4.36 27.89 -28.10
CA ALA B 210 3.27 27.39 -27.28
C ALA B 210 1.96 27.62 -28.02
N PRO B 211 1.73 26.88 -29.12
CA PRO B 211 0.53 27.05 -29.95
C PRO B 211 -0.79 26.76 -29.23
N ASN B 212 -1.88 27.31 -29.78
CA ASN B 212 -3.20 27.04 -29.22
C ASN B 212 -3.60 25.63 -29.65
N GLU B 213 -4.70 25.13 -29.09
CA GLU B 213 -5.17 23.78 -29.40
C GLU B 213 -5.54 23.59 -30.88
N ASP B 214 -5.99 24.66 -31.52
CA ASP B 214 -6.36 24.59 -32.93
C ASP B 214 -5.13 24.39 -33.80
N GLN B 215 -3.99 24.81 -33.28
CA GLN B 215 -2.75 24.68 -34.03
C GLN B 215 -1.99 23.41 -33.64
N GLY B 216 -2.60 22.57 -32.80
CA GLY B 216 -1.99 21.31 -32.39
C GLY B 216 -1.60 21.21 -30.92
N GLY B 217 -1.85 22.25 -30.14
CA GLY B 217 -1.51 22.24 -28.72
C GLY B 217 -0.04 22.55 -28.43
N LYS B 218 0.36 22.35 -27.19
CA LYS B 218 1.73 22.66 -26.75
C LYS B 218 2.76 21.62 -27.23
N TYR B 219 4.02 21.99 -27.16
CA TYR B 219 5.11 21.10 -27.52
C TYR B 219 5.60 20.36 -26.28
N VAL B 220 6.45 19.36 -26.49
CA VAL B 220 6.90 18.47 -25.42
C VAL B 220 7.62 19.15 -24.24
N MET B 221 8.25 20.29 -24.50
CA MET B 221 8.97 21.01 -23.46
C MET B 221 8.13 22.05 -22.74
N TYR B 222 6.82 21.94 -22.88
CA TYR B 222 5.93 22.84 -22.13
C TYR B 222 6.20 22.61 -20.63
N PRO B 223 6.11 23.68 -19.80
CA PRO B 223 6.46 23.58 -18.38
C PRO B 223 5.50 22.78 -17.51
N ILE B 224 4.31 22.52 -18.03
CA ILE B 224 3.25 21.81 -17.32
C ILE B 224 2.89 20.56 -18.13
N ALA B 225 2.73 19.42 -17.48
CA ALA B 225 2.27 18.22 -18.18
C ALA B 225 0.76 18.36 -18.16
N VAL B 226 0.28 19.24 -19.03
CA VAL B 226 -1.12 19.66 -19.04
C VAL B 226 -2.02 18.91 -20.03
N SER B 227 -1.42 18.33 -21.06
CA SER B 227 -2.21 17.64 -22.09
C SER B 227 -1.91 16.15 -22.27
N GLY B 228 -1.07 15.82 -23.24
CA GLY B 228 -0.72 14.45 -23.58
C GLY B 228 -1.54 13.89 -24.74
N ASP B 229 -2.68 14.50 -25.03
CA ASP B 229 -3.54 14.01 -26.10
C ASP B 229 -3.71 14.92 -27.31
N HIS B 230 -2.76 15.83 -27.50
CA HIS B 230 -2.79 16.74 -28.64
C HIS B 230 -1.57 16.50 -29.52
N GLU B 231 -1.73 16.74 -30.81
CA GLU B 231 -0.68 16.49 -31.79
C GLU B 231 0.73 16.99 -31.48
N ASN B 232 0.86 18.24 -31.06
CA ASN B 232 2.20 18.81 -30.85
C ASN B 232 2.90 18.27 -29.60
N ASN B 233 2.12 17.72 -28.68
CA ASN B 233 2.62 17.26 -27.39
C ASN B 233 3.86 16.39 -27.51
N LYS B 234 3.89 15.59 -28.57
CA LYS B 234 4.97 14.67 -28.84
C LYS B 234 6.23 15.33 -29.39
N MET B 235 6.07 16.49 -30.03
CA MET B 235 7.13 17.18 -30.76
C MET B 235 7.88 18.30 -30.05
N PHE B 236 9.03 18.68 -30.61
CA PHE B 236 9.81 19.78 -30.04
C PHE B 236 9.46 21.09 -30.72
N SER B 237 9.45 22.16 -29.95
CA SER B 237 9.16 23.50 -30.47
C SER B 237 10.40 24.05 -31.14
N GLN B 238 10.27 25.23 -31.76
CA GLN B 238 11.42 25.90 -32.38
C GLN B 238 12.39 26.33 -31.29
N CYS B 239 11.86 26.67 -30.12
CA CYS B 239 12.71 27.12 -29.01
C CYS B 239 13.61 25.97 -28.51
N SER B 240 13.02 24.77 -28.40
CA SER B 240 13.77 23.60 -27.97
C SER B 240 14.82 23.23 -29.01
N LYS B 241 14.46 23.39 -30.28
CA LYS B 241 15.38 23.04 -31.37
C LYS B 241 16.61 23.94 -31.36
N GLN B 242 16.38 25.22 -31.19
CA GLN B 242 17.49 26.17 -31.14
C GLN B 242 18.47 25.76 -30.04
N SER B 243 17.95 25.46 -28.86
CA SER B 243 18.82 25.09 -27.75
C SER B 243 19.54 23.78 -28.02
N ILE B 244 18.79 22.78 -28.45
CA ILE B 244 19.34 21.45 -28.70
C ILE B 244 20.31 21.47 -29.89
N TYR B 245 20.00 22.28 -30.89
CA TYR B 245 20.89 22.39 -32.04
C TYR B 245 22.27 22.86 -31.58
N LYS B 246 22.31 23.76 -30.61
CA LYS B 246 23.58 24.24 -30.07
C LYS B 246 24.30 23.04 -29.48
N THR B 247 23.58 22.27 -28.67
CA THR B 247 24.13 21.07 -28.03
C THR B 247 24.75 20.13 -29.07
N ILE B 248 23.93 19.75 -30.04
CA ILE B 248 24.30 18.79 -31.05
C ILE B 248 25.54 19.15 -31.82
N GLU B 249 25.61 20.39 -32.29
CA GLU B 249 26.76 20.85 -33.03
C GLU B 249 28.03 20.88 -32.16
N SER B 250 27.87 20.70 -30.86
CA SER B 250 29.03 20.69 -29.96
C SER B 250 29.27 19.36 -29.23
N LYS B 251 28.20 18.60 -28.92
CA LYS B 251 28.31 17.36 -28.15
C LYS B 251 28.35 16.02 -28.92
N ALA B 252 27.87 16.01 -30.15
CA ALA B 252 27.90 14.77 -30.92
C ALA B 252 29.35 14.30 -31.12
N GLN B 253 30.22 15.21 -31.56
CA GLN B 253 31.63 14.87 -31.78
C GLN B 253 32.22 14.31 -30.50
N GLU B 254 31.86 14.91 -29.38
CA GLU B 254 32.39 14.50 -28.09
C GLU B 254 31.99 13.10 -27.61
N CYS B 255 30.73 12.74 -27.72
CA CYS B 255 30.30 11.44 -27.22
C CYS B 255 29.22 10.68 -28.01
N PHE B 256 28.66 11.28 -29.06
CA PHE B 256 27.65 10.56 -29.85
C PHE B 256 28.34 9.53 -30.72
N GLN B 257 27.65 8.43 -31.01
CA GLN B 257 28.24 7.38 -31.82
C GLN B 257 27.32 6.99 -32.97
N GLU B 258 27.74 6.01 -33.77
CA GLU B 258 26.91 5.47 -34.83
C GLU B 258 26.00 4.51 -34.07
N ARG B 259 24.90 4.08 -34.70
CA ARG B 259 24.01 3.12 -34.03
C ARG B 259 24.75 1.80 -33.81
#